data_8VQ5
#
_entry.id   8VQ5
#
_cell.length_a   42.420
_cell.length_b   41.300
_cell.length_c   72.500
_cell.angle_alpha   90.000
_cell.angle_beta   104.600
_cell.angle_gamma   90.000
#
_symmetry.space_group_name_H-M   'P 1 21 1'
#
loop_
_entity.id
_entity.type
_entity.pdbx_description
1 polymer 'Carbonic anhydrase 2'
2 non-polymer 'ZINC ION'
3 non-polymer "4,4'-[carbonylbis(azanediylethane-2,1-diyl)]di(benzene-1-sulfonamide)"
4 non-polymer 4-(2-AMINOETHYL)BENZENESULFONAMIDE
5 water water
#
_entity_poly.entity_id   1
_entity_poly.type   'polypeptide(L)'
_entity_poly.pdbx_seq_one_letter_code
;MSHHWGYGKHNGPEHWHKDFPIAKGERQSPVDIDTHTAKYDPSLKPLSVSYDQATSLRILNNGHAFNVEFDDSQDKAVLK
GGPLDGTYRLIQFHFHWGSLDGQGSEHTVDKKKYAAELHLVHWNTKYGDFGKAVQQPDGLAVLGIFLKVGSAKPGLQKVV
DVLDSIKTKGKSADFTNFDPRGLLPESLDYWTYPGSLTTPPLLECVTWIVLKEPISVSSEQVLKFRKLNFNGEGEPEELM
VDNWRPAQPLKNRQIKASF
;
_entity_poly.pdbx_strand_id   A
#
# COMPACT_ATOMS: atom_id res chain seq x y z
N MET A 1 -15.92 -10.50 -11.34
CA MET A 1 -16.94 -9.65 -12.05
C MET A 1 -18.18 -9.35 -11.20
N SER A 2 -18.31 -9.95 -10.01
CA SER A 2 -19.50 -9.70 -9.21
C SER A 2 -19.19 -9.00 -7.88
N HIS A 3 -18.00 -8.48 -7.70
CA HIS A 3 -17.55 -7.80 -6.50
C HIS A 3 -18.19 -6.41 -6.37
N HIS A 4 -18.70 -6.11 -5.21
CA HIS A 4 -19.35 -4.83 -5.02
C HIS A 4 -18.86 -4.21 -3.72
N TRP A 5 -17.72 -4.67 -3.17
CA TRP A 5 -17.18 -4.05 -1.97
C TRP A 5 -16.62 -2.66 -2.30
N GLY A 6 -16.53 -1.81 -1.28
CA GLY A 6 -15.87 -0.54 -1.45
C GLY A 6 -15.58 0.13 -0.11
N TYR A 7 -15.75 1.44 -0.05
CA TYR A 7 -15.44 2.20 1.15
C TYR A 7 -16.61 3.10 1.55
N GLY A 8 -17.79 2.90 0.99
CA GLY A 8 -18.97 3.62 1.45
C GLY A 8 -19.62 3.02 2.71
N LYS A 9 -20.63 3.68 3.23
CA LYS A 9 -21.39 3.20 4.38
C LYS A 9 -22.13 1.89 4.08
N HIS A 10 -22.45 1.63 2.80
CA HIS A 10 -23.22 0.43 2.47
CA HIS A 10 -23.21 0.46 2.40
C HIS A 10 -22.32 -0.71 2.00
N ASN A 11 -21.03 -0.45 1.71
CA ASN A 11 -20.19 -1.53 1.17
C ASN A 11 -18.77 -1.50 1.72
N GLY A 12 -18.57 -0.77 2.82
CA GLY A 12 -17.27 -0.50 3.37
C GLY A 12 -16.79 -1.59 4.30
N PRO A 13 -15.64 -1.36 4.97
CA PRO A 13 -14.97 -2.34 5.82
C PRO A 13 -15.81 -3.14 6.80
N GLU A 14 -16.89 -2.56 7.35
CA GLU A 14 -17.74 -3.28 8.28
C GLU A 14 -18.56 -4.36 7.59
N HIS A 15 -18.73 -4.26 6.25
CA HIS A 15 -19.54 -5.19 5.49
C HIS A 15 -18.71 -6.33 4.89
N TRP A 16 -17.38 -6.15 4.74
CA TRP A 16 -16.56 -7.05 3.94
C TRP A 16 -16.67 -8.51 4.36
N HIS A 17 -16.78 -8.72 5.68
CA HIS A 17 -16.79 -10.08 6.22
C HIS A 17 -17.89 -10.95 5.62
N LYS A 18 -18.99 -10.35 5.14
CA LYS A 18 -20.09 -11.12 4.61
C LYS A 18 -19.74 -11.84 3.31
N ASP A 19 -18.86 -11.25 2.49
CA ASP A 19 -18.39 -11.93 1.28
C ASP A 19 -16.99 -12.52 1.43
N PHE A 20 -16.21 -12.02 2.41
CA PHE A 20 -14.82 -12.39 2.63
C PHE A 20 -14.65 -12.68 4.10
N PRO A 21 -15.14 -13.83 4.59
CA PRO A 21 -15.13 -14.14 6.02
C PRO A 21 -13.77 -14.14 6.72
N ILE A 22 -12.68 -14.23 5.95
CA ILE A 22 -11.34 -14.10 6.52
C ILE A 22 -11.11 -12.70 7.10
N ALA A 23 -12.00 -11.75 6.82
CA ALA A 23 -11.94 -10.43 7.41
C ALA A 23 -11.85 -10.49 8.94
N LYS A 24 -12.40 -11.55 9.55
CA LYS A 24 -12.34 -11.72 11.00
C LYS A 24 -11.29 -12.75 11.41
N GLY A 25 -10.26 -12.92 10.56
CA GLY A 25 -9.21 -13.92 10.77
C GLY A 25 -8.18 -13.55 11.86
N GLU A 26 -7.17 -14.40 11.96
CA GLU A 26 -6.16 -14.29 12.99
C GLU A 26 -4.97 -13.41 12.66
N ARG A 27 -4.83 -13.00 11.39
CA ARG A 27 -3.67 -12.19 11.01
C ARG A 27 -4.09 -11.15 9.98
N GLN A 28 -5.08 -10.33 10.37
CA GLN A 28 -5.57 -9.29 9.44
C GLN A 28 -4.75 -8.02 9.62
N SER A 29 -4.76 -7.24 8.51
CA SER A 29 -4.08 -5.95 8.44
C SER A 29 -5.05 -4.87 7.97
N PRO A 30 -4.79 -3.59 8.28
CA PRO A 30 -3.63 -3.12 9.04
C PRO A 30 -3.79 -3.29 10.56
N VAL A 31 -2.79 -2.86 11.32
CA VAL A 31 -2.82 -2.83 12.78
C VAL A 31 -2.26 -1.49 13.26
N ASP A 32 -2.57 -1.15 14.50
CA ASP A 32 -1.85 -0.13 15.22
C ASP A 32 -0.49 -0.67 15.65
N ILE A 33 0.55 0.11 15.40
CA ILE A 33 1.91 -0.18 15.83
C ILE A 33 2.16 0.55 17.14
N ASP A 34 2.07 -0.20 18.26
CA ASP A 34 2.35 0.37 19.57
C ASP A 34 3.87 0.36 19.73
N THR A 35 4.50 1.54 19.63
CA THR A 35 5.95 1.64 19.50
C THR A 35 6.64 1.19 20.78
N HIS A 36 5.95 1.31 21.93
CA HIS A 36 6.50 0.91 23.20
C HIS A 36 6.55 -0.61 23.35
N THR A 37 5.58 -1.31 22.74
CA THR A 37 5.40 -2.76 22.84
C THR A 37 6.18 -3.50 21.76
N ALA A 38 6.51 -2.83 20.65
CA ALA A 38 7.26 -3.49 19.59
C ALA A 38 8.64 -3.85 20.16
N LYS A 39 9.14 -5.05 19.90
CA LYS A 39 10.46 -5.37 20.39
C LYS A 39 11.53 -5.23 19.32
N TYR A 40 12.63 -4.59 19.71
CA TYR A 40 13.84 -4.59 18.90
C TYR A 40 14.34 -6.03 18.79
N ASP A 41 14.54 -6.47 17.56
CA ASP A 41 15.06 -7.78 17.26
C ASP A 41 16.43 -7.60 16.58
N PRO A 42 17.54 -7.79 17.31
CA PRO A 42 18.88 -7.57 16.76
C PRO A 42 19.24 -8.54 15.63
N SER A 43 18.51 -9.67 15.54
CA SER A 43 18.73 -10.65 14.50
C SER A 43 18.13 -10.21 13.17
N LEU A 44 17.28 -9.17 13.16
CA LEU A 44 16.74 -8.66 11.90
C LEU A 44 17.83 -8.01 11.07
N LYS A 45 17.79 -8.28 9.77
CA LYS A 45 18.76 -7.72 8.84
C LYS A 45 18.27 -6.41 8.28
N PRO A 46 19.22 -5.58 7.74
CA PRO A 46 18.86 -4.40 7.00
C PRO A 46 18.08 -4.90 5.79
N LEU A 47 17.11 -4.09 5.44
CA LEU A 47 16.33 -4.27 4.25
C LEU A 47 17.24 -3.96 3.04
N SER A 48 17.07 -4.74 1.97
CA SER A 48 17.77 -4.51 0.71
C SER A 48 16.73 -4.23 -0.36
N VAL A 49 16.67 -2.96 -0.79
CA VAL A 49 15.76 -2.52 -1.82
C VAL A 49 16.60 -2.30 -3.08
N SER A 50 16.37 -3.12 -4.11
CA SER A 50 17.09 -3.02 -5.36
C SER A 50 16.15 -2.65 -6.49
N TYR A 51 15.99 -1.35 -6.73
CA TYR A 51 15.04 -0.83 -7.70
C TYR A 51 15.69 -0.16 -8.89
N ASP A 52 17.03 -0.23 -9.03
CA ASP A 52 17.73 0.45 -10.13
C ASP A 52 17.21 0.02 -11.51
N GLN A 53 16.87 -1.26 -11.70
CA GLN A 53 16.43 -1.75 -13.02
C GLN A 53 14.92 -1.84 -13.16
N ALA A 54 14.17 -1.18 -12.27
CA ALA A 54 12.72 -1.21 -12.29
C ALA A 54 12.19 -0.78 -13.65
N THR A 55 11.15 -1.49 -14.11
CA THR A 55 10.45 -1.16 -15.33
C THR A 55 8.97 -0.90 -15.07
N SER A 56 8.60 0.35 -14.81
CA SER A 56 7.20 0.72 -14.72
C SER A 56 6.56 0.61 -16.09
N LEU A 57 5.27 0.34 -16.17
CA LEU A 57 4.56 0.17 -17.42
C LEU A 57 3.32 1.03 -17.59
N ARG A 58 2.46 1.10 -16.56
CA ARG A 58 1.13 1.61 -16.72
C ARG A 58 0.61 2.06 -15.35
N ILE A 59 -0.32 3.02 -15.39
CA ILE A 59 -1.06 3.45 -14.22
C ILE A 59 -2.55 3.25 -14.51
N LEU A 60 -3.28 2.66 -13.52
CA LEU A 60 -4.67 2.27 -13.71
C LEU A 60 -5.49 2.81 -12.52
N ASN A 61 -6.67 3.39 -12.79
CA ASN A 61 -7.70 3.62 -11.79
C ASN A 61 -8.56 2.36 -11.75
N ASN A 62 -8.50 1.63 -10.63
CA ASN A 62 -9.21 0.35 -10.52
C ASN A 62 -10.53 0.45 -9.76
N GLY A 63 -10.95 1.68 -9.43
CA GLY A 63 -12.21 1.93 -8.76
C GLY A 63 -12.07 1.97 -7.24
N HIS A 64 -10.89 1.64 -6.71
CA HIS A 64 -10.59 1.63 -5.28
CA HIS A 64 -10.66 1.76 -5.27
C HIS A 64 -9.39 2.53 -4.98
N ALA A 65 -8.42 2.52 -5.90
CA ALA A 65 -7.21 3.31 -5.80
C ALA A 65 -6.66 3.45 -7.22
N PHE A 66 -5.44 3.95 -7.34
CA PHE A 66 -4.74 3.80 -8.61
C PHE A 66 -3.48 2.97 -8.36
N ASN A 67 -3.16 2.09 -9.32
CA ASN A 67 -1.98 1.25 -9.26
C ASN A 67 -0.98 1.65 -10.33
N VAL A 68 0.28 1.72 -9.93
CA VAL A 68 1.36 1.79 -10.92
C VAL A 68 1.96 0.39 -11.02
N GLU A 69 1.89 -0.18 -12.21
CA GLU A 69 2.28 -1.55 -12.48
C GLU A 69 3.70 -1.64 -13.02
N PHE A 70 4.40 -2.72 -12.70
CA PHE A 70 5.79 -2.98 -13.05
C PHE A 70 5.90 -4.34 -13.74
N ASP A 71 6.86 -4.45 -14.67
CA ASP A 71 7.25 -5.74 -15.23
C ASP A 71 7.91 -6.57 -14.14
N ASP A 72 7.30 -7.73 -13.82
CA ASP A 72 7.76 -8.63 -12.77
C ASP A 72 8.15 -9.96 -13.39
N SER A 73 8.49 -9.99 -14.68
CA SER A 73 8.82 -11.26 -15.33
C SER A 73 10.32 -11.59 -15.28
N GLN A 74 11.10 -10.77 -14.55
CA GLN A 74 12.52 -10.94 -14.28
C GLN A 74 12.81 -10.21 -12.98
N ASP A 75 13.97 -10.45 -12.37
CA ASP A 75 14.35 -9.82 -11.11
C ASP A 75 14.89 -8.40 -11.35
N LYS A 76 14.02 -7.48 -11.68
CA LYS A 76 14.37 -6.12 -12.05
C LYS A 76 14.27 -5.14 -10.89
N ALA A 77 13.32 -5.38 -10.01
CA ALA A 77 13.09 -4.52 -8.86
C ALA A 77 12.71 -5.46 -7.73
N VAL A 78 13.64 -5.67 -6.80
CA VAL A 78 13.44 -6.70 -5.78
C VAL A 78 13.71 -6.12 -4.40
N LEU A 79 13.03 -6.76 -3.46
CA LEU A 79 13.17 -6.58 -2.03
C LEU A 79 13.69 -7.89 -1.45
N LYS A 80 14.74 -7.77 -0.63
CA LYS A 80 15.31 -8.92 0.07
C LYS A 80 15.77 -8.47 1.45
N GLY A 81 16.29 -9.39 2.26
CA GLY A 81 16.77 -9.04 3.57
C GLY A 81 15.64 -8.65 4.51
N GLY A 82 15.98 -7.82 5.49
CA GLY A 82 15.07 -7.56 6.59
C GLY A 82 14.59 -8.88 7.22
N PRO A 83 13.26 -9.08 7.34
CA PRO A 83 12.69 -10.34 7.88
C PRO A 83 12.53 -11.47 6.87
N LEU A 84 12.86 -11.18 5.61
CA LEU A 84 12.50 -12.03 4.50
C LEU A 84 13.57 -13.10 4.23
N ASP A 85 13.07 -14.27 3.80
CA ASP A 85 13.85 -15.36 3.24
C ASP A 85 13.63 -15.29 1.72
N GLY A 86 14.68 -15.08 0.94
CA GLY A 86 14.46 -15.18 -0.49
C GLY A 86 14.16 -13.81 -1.10
N THR A 87 13.74 -13.86 -2.37
CA THR A 87 13.68 -12.70 -3.24
C THR A 87 12.22 -12.40 -3.55
N TYR A 88 11.83 -11.13 -3.37
CA TYR A 88 10.49 -10.70 -3.66
C TYR A 88 10.52 -9.63 -4.76
N ARG A 89 9.70 -9.86 -5.79
CA ARG A 89 9.68 -8.94 -6.93
C ARG A 89 8.55 -7.92 -6.81
N LEU A 90 8.87 -6.67 -7.16
CA LEU A 90 7.88 -5.60 -7.21
C LEU A 90 6.93 -5.82 -8.39
N ILE A 91 5.64 -5.78 -8.11
CA ILE A 91 4.59 -5.91 -9.13
C ILE A 91 3.80 -4.62 -9.27
N GLN A 92 3.56 -3.88 -8.19
CA GLN A 92 2.78 -2.65 -8.29
C GLN A 92 2.96 -1.84 -7.02
N PHE A 93 2.65 -0.56 -7.09
CA PHE A 93 2.44 0.24 -5.90
C PHE A 93 1.13 1.00 -6.03
N HIS A 94 0.57 1.34 -4.85
CA HIS A 94 -0.60 2.16 -4.76
C HIS A 94 -0.60 2.91 -3.44
N PHE A 95 -1.59 3.79 -3.26
CA PHE A 95 -1.73 4.53 -2.03
C PHE A 95 -3.14 4.33 -1.45
N HIS A 96 -3.25 4.64 -0.16
CA HIS A 96 -4.50 4.88 0.52
C HIS A 96 -4.46 6.26 1.12
N TRP A 97 -5.56 7.01 1.09
CA TRP A 97 -5.55 8.38 1.58
C TRP A 97 -6.93 8.80 2.07
N GLY A 98 -6.94 9.96 2.72
CA GLY A 98 -8.11 10.46 3.38
C GLY A 98 -8.80 11.61 2.67
N SER A 99 -9.92 12.04 3.26
CA SER A 99 -10.62 13.24 2.79
C SER A 99 -10.03 14.52 3.41
N LEU A 100 -9.22 14.35 4.46
CA LEU A 100 -8.60 15.40 5.26
C LEU A 100 -7.20 14.92 5.61
N ASP A 101 -6.29 15.87 5.91
CA ASP A 101 -4.90 15.54 6.13
C ASP A 101 -4.73 14.71 7.42
N GLY A 102 -5.71 14.74 8.33
CA GLY A 102 -5.59 14.00 9.59
C GLY A 102 -5.97 12.50 9.55
N GLN A 103 -6.24 11.97 8.36
CA GLN A 103 -6.59 10.57 8.23
C GLN A 103 -6.22 10.11 6.84
N GLY A 104 -6.14 8.79 6.66
CA GLY A 104 -5.86 8.22 5.37
C GLY A 104 -4.91 7.04 5.40
N SER A 105 -4.01 6.95 6.41
CA SER A 105 -3.16 5.77 6.51
C SER A 105 -3.98 4.60 7.06
N GLU A 106 -3.48 3.43 6.74
CA GLU A 106 -4.07 2.17 7.17
C GLU A 106 -3.42 1.79 8.47
N HIS A 107 -2.11 1.58 8.45
CA HIS A 107 -1.38 1.44 9.71
C HIS A 107 -1.43 2.76 10.46
N THR A 108 -1.44 2.64 11.80
CA THR A 108 -1.27 3.78 12.68
C THR A 108 -0.06 3.54 13.59
N VAL A 109 0.43 4.62 14.19
CA VAL A 109 1.62 4.55 15.04
C VAL A 109 1.26 5.20 16.38
N ASP A 110 1.12 4.38 17.42
CA ASP A 110 0.59 4.90 18.68
C ASP A 110 -0.71 5.66 18.45
N LYS A 111 -1.57 5.08 17.60
CA LYS A 111 -2.89 5.55 17.21
C LYS A 111 -2.84 6.77 16.30
N LYS A 112 -1.65 7.28 15.96
CA LYS A 112 -1.55 8.39 15.03
C LYS A 112 -1.84 7.91 13.61
N LYS A 113 -2.73 8.66 12.94
CA LYS A 113 -3.03 8.45 11.53
C LYS A 113 -2.28 9.47 10.70
N TYR A 114 -1.66 8.98 9.64
CA TYR A 114 -1.03 9.83 8.63
C TYR A 114 -2.01 10.18 7.51
N ALA A 115 -1.61 11.15 6.65
CA ALA A 115 -2.48 11.62 5.59
C ALA A 115 -2.69 10.57 4.49
N ALA A 116 -1.71 9.69 4.36
CA ALA A 116 -1.77 8.63 3.37
C ALA A 116 -0.72 7.57 3.69
N GLU A 117 -0.81 6.45 2.96
CA GLU A 117 0.15 5.38 3.06
C GLU A 117 0.38 4.81 1.67
N LEU A 118 1.67 4.63 1.33
CA LEU A 118 2.13 3.99 0.11
C LEU A 118 2.41 2.52 0.40
N HIS A 119 1.95 1.65 -0.48
CA HIS A 119 2.22 0.23 -0.42
C HIS A 119 2.95 -0.16 -1.70
N LEU A 120 4.19 -0.62 -1.55
CA LEU A 120 4.95 -1.26 -2.61
C LEU A 120 4.80 -2.76 -2.48
N VAL A 121 4.13 -3.41 -3.45
CA VAL A 121 3.72 -4.79 -3.31
C VAL A 121 4.70 -5.70 -4.03
N HIS A 122 5.22 -6.74 -3.32
CA HIS A 122 6.21 -7.62 -3.89
C HIS A 122 5.79 -9.06 -3.65
N TRP A 123 6.11 -9.98 -4.56
CA TRP A 123 5.78 -11.38 -4.39
C TRP A 123 7.01 -12.26 -4.41
N ASN A 124 6.93 -13.35 -3.63
CA ASN A 124 8.03 -14.28 -3.44
C ASN A 124 8.25 -15.14 -4.68
N THR A 125 9.44 -15.02 -5.27
CA THR A 125 9.72 -15.64 -6.55
C THR A 125 9.67 -17.17 -6.47
N LYS A 126 9.78 -17.75 -5.28
CA LYS A 126 9.71 -19.21 -5.22
C LYS A 126 8.33 -19.75 -5.59
N TYR A 127 7.31 -18.87 -5.62
CA TYR A 127 5.96 -19.28 -5.99
C TYR A 127 5.62 -19.01 -7.45
N GLY A 128 6.55 -18.44 -8.21
CA GLY A 128 6.43 -18.43 -9.66
C GLY A 128 5.56 -17.33 -10.26
N ASP A 129 4.42 -17.02 -9.65
CA ASP A 129 3.63 -15.88 -10.11
C ASP A 129 2.87 -15.30 -8.93
N PHE A 130 2.32 -14.11 -9.12
CA PHE A 130 1.64 -13.37 -8.08
C PHE A 130 0.39 -14.11 -7.61
N GLY A 131 -0.37 -14.69 -8.55
CA GLY A 131 -1.59 -15.40 -8.23
C GLY A 131 -1.36 -16.61 -7.31
N LYS A 132 -0.24 -17.31 -7.47
CA LYS A 132 0.14 -18.40 -6.61
C LYS A 132 0.64 -17.89 -5.28
N ALA A 133 1.42 -16.80 -5.31
CA ALA A 133 2.01 -16.23 -4.10
C ALA A 133 0.95 -15.82 -3.09
N VAL A 134 -0.19 -15.26 -3.53
CA VAL A 134 -1.20 -14.77 -2.59
C VAL A 134 -1.87 -15.93 -1.85
N GLN A 135 -1.64 -17.17 -2.29
CA GLN A 135 -2.20 -18.34 -1.62
C GLN A 135 -1.25 -18.93 -0.57
N GLN A 136 -0.13 -18.25 -0.31
CA GLN A 136 0.86 -18.75 0.62
C GLN A 136 1.07 -17.78 1.78
N PRO A 137 1.35 -18.31 3.00
CA PRO A 137 1.55 -17.44 4.17
C PRO A 137 2.75 -16.52 4.06
N ASP A 138 3.73 -16.86 3.22
CA ASP A 138 4.89 -16.00 3.01
C ASP A 138 4.98 -15.56 1.55
N GLY A 139 3.83 -15.36 0.91
CA GLY A 139 3.84 -15.12 -0.53
C GLY A 139 4.15 -13.69 -0.90
N LEU A 140 3.74 -12.74 -0.05
CA LEU A 140 3.94 -11.31 -0.38
C LEU A 140 4.75 -10.59 0.67
N ALA A 141 5.45 -9.53 0.23
CA ALA A 141 6.06 -8.56 1.13
C ALA A 141 5.60 -7.20 0.66
N VAL A 142 4.92 -6.49 1.55
CA VAL A 142 4.43 -5.15 1.30
C VAL A 142 5.23 -4.19 2.15
N LEU A 143 5.87 -3.25 1.43
CA LEU A 143 6.62 -2.19 2.06
C LEU A 143 5.67 -1.02 2.17
N GLY A 144 5.41 -0.60 3.41
CA GLY A 144 4.47 0.45 3.69
C GLY A 144 5.21 1.69 4.16
N ILE A 145 4.86 2.85 3.56
CA ILE A 145 5.50 4.11 3.87
C ILE A 145 4.41 5.14 4.13
N PHE A 146 4.52 5.83 5.26
CA PHE A 146 3.58 6.88 5.60
C PHE A 146 3.89 8.17 4.84
N LEU A 147 2.81 8.91 4.53
CA LEU A 147 2.87 10.23 3.95
C LEU A 147 2.33 11.22 4.96
N LYS A 148 3.12 12.26 5.25
CA LYS A 148 2.65 13.42 5.98
C LYS A 148 2.65 14.61 5.03
N VAL A 149 1.76 15.55 5.34
CA VAL A 149 1.66 16.77 4.54
C VAL A 149 2.65 17.78 5.06
N GLY A 150 3.49 18.28 4.14
CA GLY A 150 4.49 19.28 4.44
C GLY A 150 5.11 19.79 3.14
N SER A 151 6.41 19.56 2.97
N SER A 151 6.41 19.56 2.98
CA SER A 151 7.10 19.91 1.74
CA SER A 151 7.10 19.88 1.75
C SER A 151 6.75 18.89 0.65
C SER A 151 6.70 18.90 0.65
N ALA A 152 6.75 19.34 -0.60
CA ALA A 152 6.47 18.46 -1.72
C ALA A 152 7.53 17.36 -1.80
N LYS A 153 7.11 16.24 -2.40
CA LYS A 153 7.96 15.13 -2.74
C LYS A 153 8.20 15.16 -4.24
N PRO A 154 9.37 15.64 -4.71
CA PRO A 154 9.59 15.77 -6.15
C PRO A 154 9.37 14.47 -6.91
N GLY A 155 9.78 13.35 -6.33
CA GLY A 155 9.67 12.06 -6.98
C GLY A 155 8.24 11.54 -7.10
N LEU A 156 7.28 12.21 -6.45
CA LEU A 156 5.89 11.90 -6.59
C LEU A 156 5.23 12.67 -7.71
N GLN A 157 5.82 13.80 -8.17
CA GLN A 157 5.07 14.73 -9.00
C GLN A 157 4.68 14.10 -10.34
N LYS A 158 5.48 13.18 -10.91
CA LYS A 158 5.08 12.55 -12.18
C LYS A 158 3.77 11.77 -12.04
N VAL A 159 3.55 11.17 -10.86
CA VAL A 159 2.30 10.48 -10.55
C VAL A 159 1.15 11.50 -10.48
N VAL A 160 1.34 12.57 -9.72
CA VAL A 160 0.32 13.59 -9.54
C VAL A 160 -0.12 14.13 -10.89
N ASP A 161 0.85 14.37 -11.78
CA ASP A 161 0.56 15.05 -13.01
C ASP A 161 -0.24 14.18 -13.99
N VAL A 162 -0.13 12.84 -13.93
CA VAL A 162 -0.81 11.97 -14.86
C VAL A 162 -2.26 11.67 -14.45
N LEU A 163 -2.63 12.04 -13.21
CA LEU A 163 -3.90 11.62 -12.68
C LEU A 163 -5.10 12.16 -13.46
N ASP A 164 -4.95 13.27 -14.21
CA ASP A 164 -6.01 13.79 -15.05
C ASP A 164 -6.45 12.78 -16.10
N SER A 165 -5.55 11.91 -16.52
CA SER A 165 -5.85 10.99 -17.60
C SER A 165 -6.48 9.69 -17.09
N ILE A 166 -6.59 9.50 -15.76
CA ILE A 166 -7.19 8.28 -15.22
C ILE A 166 -8.23 8.64 -14.16
N LYS A 167 -9.07 9.64 -14.43
CA LYS A 167 -9.95 10.16 -13.40
C LYS A 167 -10.95 9.12 -12.89
N THR A 168 -11.47 8.26 -13.78
CA THR A 168 -12.57 7.37 -13.48
C THR A 168 -12.11 5.92 -13.59
N LYS A 169 -12.92 5.05 -12.95
CA LYS A 169 -12.66 3.63 -12.86
C LYS A 169 -12.53 3.01 -14.23
N GLY A 170 -11.47 2.22 -14.40
CA GLY A 170 -11.21 1.51 -15.65
C GLY A 170 -10.29 2.24 -16.61
N LYS A 171 -9.95 3.49 -16.33
CA LYS A 171 -9.03 4.24 -17.18
CA LYS A 171 -9.03 4.25 -17.16
C LYS A 171 -7.59 3.89 -16.79
N SER A 172 -6.76 3.75 -17.82
CA SER A 172 -5.33 3.56 -17.65
C SER A 172 -4.57 4.49 -18.60
N ALA A 173 -3.27 4.65 -18.30
CA ALA A 173 -2.37 5.45 -19.11
C ALA A 173 -0.96 4.85 -19.05
N ASP A 174 -0.22 5.01 -20.16
CA ASP A 174 1.18 4.61 -20.15
C ASP A 174 1.88 5.29 -18.98
N PHE A 175 2.76 4.54 -18.29
CA PHE A 175 3.51 5.13 -17.18
C PHE A 175 4.89 4.47 -17.12
N THR A 176 5.63 4.65 -18.22
CA THR A 176 6.98 4.11 -18.34
C THR A 176 8.00 5.05 -17.72
N ASN A 177 9.17 4.48 -17.38
CA ASN A 177 10.34 5.20 -16.90
C ASN A 177 10.10 6.00 -15.63
N PHE A 178 9.32 5.40 -14.72
CA PHE A 178 9.13 6.00 -13.41
C PHE A 178 10.03 5.28 -12.43
N ASP A 179 10.74 6.04 -11.59
CA ASP A 179 11.72 5.48 -10.67
C ASP A 179 11.11 5.45 -9.27
N PRO A 180 10.74 4.25 -8.74
CA PRO A 180 10.12 4.19 -7.41
C PRO A 180 11.06 4.56 -6.28
N ARG A 181 12.36 4.64 -6.56
CA ARG A 181 13.31 5.08 -5.54
C ARG A 181 12.99 6.49 -5.08
N GLY A 182 12.36 7.31 -5.94
CA GLY A 182 11.95 8.65 -5.59
C GLY A 182 10.84 8.77 -4.56
N LEU A 183 10.26 7.62 -4.13
CA LEU A 183 9.20 7.62 -3.15
C LEU A 183 9.71 7.21 -1.77
N LEU A 184 11.00 6.89 -1.59
CA LEU A 184 11.47 6.31 -0.31
C LEU A 184 11.99 7.41 0.60
N PRO A 185 11.87 7.27 1.93
CA PRO A 185 12.52 8.17 2.88
C PRO A 185 14.02 7.88 2.96
N GLU A 186 14.78 8.66 3.73
CA GLU A 186 16.22 8.47 3.84
C GLU A 186 16.55 7.16 4.58
N SER A 187 15.82 6.89 5.66
CA SER A 187 16.09 5.75 6.51
C SER A 187 15.23 4.55 6.13
N LEU A 188 15.79 3.35 6.20
CA LEU A 188 15.05 2.13 5.96
C LEU A 188 14.81 1.35 7.26
N ASP A 189 14.86 2.02 8.41
CA ASP A 189 14.43 1.43 9.67
C ASP A 189 12.95 1.09 9.55
N TYR A 190 12.55 -0.04 10.17
CA TYR A 190 11.23 -0.58 9.93
C TYR A 190 10.71 -1.36 11.13
N TRP A 191 9.38 -1.51 11.11
CA TRP A 191 8.67 -2.51 11.88
C TRP A 191 8.21 -3.65 10.97
N THR A 192 8.04 -4.86 11.53
CA THR A 192 7.54 -5.95 10.72
C THR A 192 6.60 -6.86 11.53
N TYR A 193 5.59 -7.40 10.85
CA TYR A 193 4.68 -8.36 11.49
C TYR A 193 4.01 -9.16 10.38
N PRO A 194 3.45 -10.33 10.65
CA PRO A 194 2.70 -11.11 9.68
C PRO A 194 1.27 -10.60 9.59
N GLY A 195 0.77 -10.39 8.37
CA GLY A 195 -0.57 -9.90 8.17
C GLY A 195 -1.23 -10.35 6.87
N SER A 196 -2.04 -9.43 6.32
CA SER A 196 -2.95 -9.73 5.22
C SER A 196 -2.93 -8.60 4.18
N LEU A 197 -3.57 -8.90 3.06
CA LEU A 197 -4.02 -7.82 2.16
C LEU A 197 -4.99 -6.93 2.96
N THR A 198 -5.01 -5.63 2.71
CA THR A 198 -5.94 -4.77 3.39
C THR A 198 -7.23 -4.49 2.63
N THR A 199 -7.37 -5.10 1.44
CA THR A 199 -8.59 -5.06 0.66
C THR A 199 -9.04 -6.49 0.39
N PRO A 200 -10.35 -6.72 0.15
CA PRO A 200 -10.76 -8.02 -0.36
C PRO A 200 -9.82 -8.44 -1.48
N PRO A 201 -9.41 -9.71 -1.58
CA PRO A 201 -9.92 -10.81 -0.74
C PRO A 201 -9.32 -11.02 0.65
N LEU A 202 -8.52 -10.07 1.16
CA LEU A 202 -8.04 -10.05 2.55
C LEU A 202 -7.20 -11.28 2.89
N LEU A 203 -6.50 -11.83 1.90
CA LEU A 203 -5.76 -13.07 2.09
C LEU A 203 -4.59 -12.85 3.04
N GLU A 204 -4.31 -13.86 3.87
CA GLU A 204 -3.32 -13.76 4.92
C GLU A 204 -1.97 -14.28 4.45
N CYS A 205 -1.38 -13.48 3.57
CA CYS A 205 -0.22 -13.88 2.77
C CYS A 205 0.91 -12.84 2.83
N VAL A 206 0.81 -11.82 3.70
CA VAL A 206 1.72 -10.69 3.67
C VAL A 206 2.67 -10.64 4.87
N THR A 207 3.98 -10.53 4.59
CA THR A 207 4.92 -10.00 5.56
C THR A 207 4.91 -8.50 5.44
N TRP A 208 4.42 -7.78 6.41
CA TRP A 208 4.40 -6.34 6.40
C TRP A 208 5.73 -5.79 6.88
N ILE A 209 6.25 -4.81 6.11
CA ILE A 209 7.43 -4.08 6.48
C ILE A 209 7.06 -2.60 6.42
N VAL A 210 6.91 -1.95 7.57
CA VAL A 210 6.41 -0.58 7.64
C VAL A 210 7.56 0.31 8.08
N LEU A 211 7.94 1.27 7.20
CA LEU A 211 9.07 2.12 7.54
C LEU A 211 8.70 3.13 8.62
N LYS A 212 9.68 3.40 9.50
CA LYS A 212 9.49 4.30 10.62
C LYS A 212 9.41 5.76 10.17
N GLU A 213 10.19 6.10 9.15
CA GLU A 213 10.30 7.49 8.70
C GLU A 213 9.26 7.74 7.60
N PRO A 214 8.34 8.70 7.81
CA PRO A 214 7.41 9.11 6.77
C PRO A 214 8.14 9.89 5.69
N ILE A 215 7.51 9.93 4.53
CA ILE A 215 7.87 10.89 3.51
C ILE A 215 6.94 12.09 3.64
N SER A 216 7.41 13.26 3.18
CA SER A 216 6.60 14.48 3.17
CA SER A 216 6.51 14.41 3.18
C SER A 216 6.12 14.73 1.75
N VAL A 217 4.81 14.99 1.58
CA VAL A 217 4.26 15.45 0.33
C VAL A 217 3.54 16.77 0.55
N SER A 218 3.29 17.52 -0.52
CA SER A 218 2.62 18.78 -0.29
C SER A 218 1.12 18.62 -0.24
N SER A 219 0.48 19.66 0.32
CA SER A 219 -0.96 19.75 0.39
CA SER A 219 -0.96 19.68 0.39
C SER A 219 -1.56 19.60 -1.02
N GLU A 220 -0.91 20.24 -2.00
CA GLU A 220 -1.43 20.20 -3.36
C GLU A 220 -1.30 18.81 -3.98
N GLN A 221 -0.24 18.05 -3.61
CA GLN A 221 -0.08 16.70 -4.13
C GLN A 221 -1.23 15.82 -3.67
N VAL A 222 -1.48 15.78 -2.36
CA VAL A 222 -2.54 14.91 -1.86
C VAL A 222 -3.92 15.42 -2.30
N LEU A 223 -4.09 16.74 -2.44
CA LEU A 223 -5.32 17.34 -2.94
C LEU A 223 -5.70 16.75 -4.30
N LYS A 224 -4.71 16.53 -5.17
CA LYS A 224 -4.97 15.95 -6.47
C LYS A 224 -5.45 14.50 -6.35
N PHE A 225 -4.89 13.73 -5.40
CA PHE A 225 -5.38 12.37 -5.25
C PHE A 225 -6.90 12.38 -5.01
N ARG A 226 -7.38 13.33 -4.20
CA ARG A 226 -8.77 13.40 -3.78
C ARG A 226 -9.72 13.85 -4.91
N LYS A 227 -9.19 14.23 -6.08
CA LYS A 227 -10.02 14.58 -7.21
C LYS A 227 -10.31 13.39 -8.13
N LEU A 228 -9.66 12.26 -7.88
CA LEU A 228 -9.98 11.03 -8.59
C LEU A 228 -11.40 10.62 -8.23
N ASN A 229 -11.95 9.70 -9.02
CA ASN A 229 -13.29 9.17 -8.83
C ASN A 229 -13.27 7.66 -8.61
N PHE A 230 -14.11 7.19 -7.68
CA PHE A 230 -14.36 5.77 -7.55
C PHE A 230 -15.18 5.20 -8.71
N ASN A 231 -16.06 6.04 -9.27
CA ASN A 231 -17.03 5.65 -10.28
C ASN A 231 -16.41 5.64 -11.67
N GLY A 232 -17.11 4.96 -12.58
CA GLY A 232 -16.80 4.99 -14.00
C GLY A 232 -17.35 6.24 -14.68
N GLU A 233 -16.83 6.52 -15.87
CA GLU A 233 -17.31 7.64 -16.69
C GLU A 233 -18.82 7.48 -16.93
N GLY A 234 -19.57 8.57 -16.75
CA GLY A 234 -21.00 8.58 -17.03
C GLY A 234 -21.84 8.19 -15.83
N GLU A 235 -21.18 7.76 -14.73
CA GLU A 235 -21.85 7.40 -13.51
C GLU A 235 -21.85 8.60 -12.56
N PRO A 236 -22.69 8.61 -11.50
CA PRO A 236 -22.62 9.68 -10.51
C PRO A 236 -21.22 9.80 -9.93
N GLU A 237 -20.75 11.04 -9.79
CA GLU A 237 -19.40 11.30 -9.32
C GLU A 237 -19.32 11.05 -7.82
N GLU A 238 -18.39 10.16 -7.48
CA GLU A 238 -18.03 9.91 -6.10
C GLU A 238 -16.52 10.05 -5.94
N LEU A 239 -16.10 11.08 -5.19
CA LEU A 239 -14.68 11.35 -5.03
C LEU A 239 -14.00 10.17 -4.36
N MET A 240 -12.82 9.85 -4.87
CA MET A 240 -11.99 8.79 -4.34
C MET A 240 -11.21 9.35 -3.14
N VAL A 241 -11.82 9.17 -1.95
CA VAL A 241 -11.25 9.59 -0.69
C VAL A 241 -11.61 8.55 0.35
N ASP A 242 -10.78 8.47 1.40
CA ASP A 242 -11.03 7.58 2.54
C ASP A 242 -11.10 6.12 2.07
N ASN A 243 -10.13 5.73 1.22
CA ASN A 243 -9.99 4.37 0.71
C ASN A 243 -9.03 3.58 1.60
N TRP A 244 -9.29 3.64 2.94
CA TRP A 244 -8.44 2.98 3.92
C TRP A 244 -9.29 2.10 4.85
N ARG A 245 -8.71 0.95 5.14
CA ARG A 245 -9.30 0.06 6.15
C ARG A 245 -8.76 0.47 7.50
N PRO A 246 -9.60 0.50 8.57
CA PRO A 246 -9.07 0.79 9.90
C PRO A 246 -8.28 -0.38 10.51
N ALA A 247 -7.55 -0.05 11.57
CA ALA A 247 -6.75 -1.02 12.29
C ALA A 247 -7.62 -2.17 12.81
N GLN A 248 -7.02 -3.35 12.71
CA GLN A 248 -7.63 -4.62 13.04
C GLN A 248 -6.96 -5.18 14.29
N PRO A 249 -7.63 -6.12 14.99
CA PRO A 249 -7.03 -6.70 16.20
C PRO A 249 -5.70 -7.41 15.96
N LEU A 250 -4.73 -7.13 16.82
CA LEU A 250 -3.41 -7.72 16.73
C LEU A 250 -3.45 -9.22 17.01
N LYS A 251 -4.33 -9.64 17.93
CA LYS A 251 -4.46 -11.04 18.26
C LYS A 251 -3.10 -11.57 18.69
N ASN A 252 -2.76 -12.76 18.23
CA ASN A 252 -1.59 -13.41 18.75
C ASN A 252 -0.38 -13.11 17.90
N ARG A 253 -0.10 -11.79 17.69
CA ARG A 253 1.10 -11.40 16.97
C ARG A 253 1.97 -10.43 17.75
N GLN A 254 3.27 -10.45 17.42
CA GLN A 254 4.24 -9.50 17.93
C GLN A 254 4.78 -8.69 16.74
N ILE A 255 4.86 -7.39 16.95
CA ILE A 255 5.50 -6.50 15.99
C ILE A 255 6.95 -6.33 16.42
N LYS A 256 7.85 -6.52 15.47
CA LYS A 256 9.28 -6.45 15.71
C LYS A 256 9.82 -5.19 15.08
N ALA A 257 10.81 -4.56 15.76
CA ALA A 257 11.48 -3.37 15.26
C ALA A 257 12.89 -3.72 14.86
N SER A 258 13.35 -3.10 13.76
CA SER A 258 14.71 -3.28 13.27
C SER A 258 15.69 -2.36 13.98
N PHE A 259 15.19 -1.47 14.86
CA PHE A 259 15.97 -0.35 15.41
C PHE A 259 15.70 -0.18 16.91
#